data_4L1A
#
_entry.id   4L1A
#
_cell.length_a   43.828
_cell.length_b   43.828
_cell.length_c   101.805
_cell.angle_alpha   90.00
_cell.angle_beta   90.00
_cell.angle_gamma   90.00
#
_symmetry.space_group_name_H-M   'P 41'
#
loop_
_entity.id
_entity.type
_entity.pdbx_description
1 polymer 'MDR769 HIV-1 protease'
2 polymer 'MDR769 HIV-1 protease'
3 non-polymer N-{1-BENZYL-4-[2-(2,6-DIMETHYL-PHENOXY)-ACETYLAMINO]-3-HYDROXY-5-PHENYL-PENTYL}-3-METHYL-2-(2-OXO-TETRAHYDRO-PYRIMIDIN-1-YL)-BUTYRAMIDE
4 water water
#
loop_
_entity_poly.entity_id
_entity_poly.type
_entity_poly.pdbx_seq_one_letter_code
_entity_poly.pdbx_strand_id
1 'polypeptide(L)'
;PQITLWQRPIVTIKIGGQLKEALLNTGADDTVLEEVNLPGRWKPKLIGGIGGFVKVRQYDQVPIEICGHKVIGTVLVGPT
PTNVIGRNLMTQIGCTLNF
;
A
2 'polypeptide(L)'
;PQITLWQRPIVTIKIGGQLKEALLNTGADDTVLEEVNLPGRWKPKLIGGIGGFVKVRQYDQVPIEICGHKTIGTVLVGPT
PTNVIGRNLMTQIGCTLNF
;
B
#
# COMPACT_ATOMS: atom_id res chain seq x y z
N PRO A 1 -1.79 -17.60 -2.59
CA PRO A 1 -1.24 -17.80 -1.26
C PRO A 1 -1.95 -16.95 -0.22
N GLN A 2 -1.56 -17.10 1.03
CA GLN A 2 -1.99 -16.17 2.05
C GLN A 2 -0.73 -15.49 2.50
N ILE A 3 -0.70 -14.18 2.35
CA ILE A 3 0.52 -13.43 2.65
C ILE A 3 0.23 -12.62 3.89
N THR A 4 0.94 -12.92 4.97
CA THR A 4 0.83 -12.14 6.17
C THR A 4 1.67 -10.89 5.97
N LEU A 5 1.47 -9.89 6.82
CA LEU A 5 2.02 -8.58 6.52
C LEU A 5 3.09 -8.18 7.52
N TRP A 6 3.68 -9.17 8.18
CA TRP A 6 4.75 -8.90 9.12
C TRP A 6 5.92 -8.34 8.37
N GLN A 7 6.06 -8.79 7.14
CA GLN A 7 7.07 -8.27 6.26
C GLN A 7 6.38 -7.58 5.10
N ARG A 8 7.14 -6.78 4.37
CA ARG A 8 6.60 -6.17 3.16
C ARG A 8 6.22 -7.26 2.21
N PRO A 9 5.02 -7.17 1.63
CA PRO A 9 4.54 -8.27 0.82
C PRO A 9 5.15 -8.18 -0.57
N ILE A 10 6.43 -8.52 -0.63
CA ILE A 10 7.16 -8.47 -1.90
C ILE A 10 7.01 -9.81 -2.55
N VAL A 11 6.63 -9.78 -3.82
CA VAL A 11 6.35 -10.98 -4.52
C VAL A 11 7.18 -10.93 -5.76
N THR A 12 7.37 -12.09 -6.36
CA THR A 12 8.06 -12.17 -7.61
C THR A 12 7.01 -12.04 -8.69
N ILE A 13 7.28 -11.19 -9.65
CA ILE A 13 6.40 -11.03 -10.75
C ILE A 13 7.22 -11.43 -11.97
N LYS A 14 6.55 -11.92 -12.99
CA LYS A 14 7.20 -12.14 -14.24
C LYS A 14 6.49 -11.21 -15.20
N ILE A 15 7.27 -10.37 -15.86
CA ILE A 15 6.75 -9.42 -16.82
C ILE A 15 7.84 -9.07 -17.82
N GLY A 16 7.45 -8.88 -19.08
CA GLY A 16 8.40 -8.54 -20.14
C GLY A 16 9.59 -9.47 -20.12
N GLY A 17 9.29 -10.78 -20.00
CA GLY A 17 10.29 -11.84 -19.89
C GLY A 17 11.32 -11.68 -18.79
N GLN A 18 10.97 -10.94 -17.74
CA GLN A 18 11.89 -10.69 -16.66
C GLN A 18 11.22 -11.14 -15.37
N LEU A 19 12.00 -11.70 -14.45
CA LEU A 19 11.51 -11.90 -13.10
C LEU A 19 11.88 -10.65 -12.32
N LYS A 20 10.88 -10.03 -11.71
CA LYS A 20 11.10 -8.84 -10.92
C LYS A 20 10.51 -9.05 -9.52
N GLU A 21 10.92 -8.19 -8.61
CA GLU A 21 10.37 -8.21 -7.29
C GLU A 21 9.46 -7.02 -7.25
N ALA A 22 8.28 -7.20 -6.65
CA ALA A 22 7.39 -6.07 -6.52
C ALA A 22 6.58 -6.20 -5.25
N LEU A 23 6.15 -5.05 -4.76
CA LEU A 23 5.46 -4.95 -3.52
C LEU A 23 3.99 -4.98 -3.82
N LEU A 24 3.27 -5.90 -3.19
CA LEU A 24 1.81 -5.89 -3.23
C LEU A 24 1.38 -4.73 -2.36
N ASN A 25 0.96 -3.70 -3.05
CA ASN A 25 0.68 -2.46 -2.43
C ASN A 25 -0.80 -2.09 -2.60
N THR A 26 -1.58 -2.42 -1.59
CA THR A 26 -3.01 -2.07 -1.61
C THR A 26 -3.23 -0.58 -1.53
N GLY A 27 -2.18 0.16 -1.15
CA GLY A 27 -2.27 1.60 -1.11
C GLY A 27 -2.03 2.20 -2.47
N ALA A 28 -1.68 1.38 -3.45
CA ALA A 28 -1.36 1.89 -4.78
C ALA A 28 -2.53 1.54 -5.70
N ASP A 29 -3.05 2.53 -6.42
CA ASP A 29 -4.13 2.22 -7.38
C ASP A 29 -3.55 1.43 -8.52
N ASP A 30 -2.33 1.79 -8.88
CA ASP A 30 -1.75 1.30 -10.08
C ASP A 30 -0.49 0.54 -9.83
N THR A 31 -0.10 -0.16 -10.86
CA THR A 31 1.09 -0.97 -10.80
C THR A 31 2.13 -0.19 -11.53
N VAL A 32 3.24 0.05 -10.85
CA VAL A 32 4.30 0.86 -11.44
C VAL A 32 5.55 0.03 -11.26
N LEU A 33 6.19 -0.23 -12.37
CA LEU A 33 7.39 -1.03 -12.40
C LEU A 33 8.51 -0.20 -13.00
N GLU A 34 9.70 -0.40 -12.44
CA GLU A 34 10.93 0.23 -12.89
C GLU A 34 11.58 -0.71 -13.90
N GLU A 35 12.20 -0.12 -14.91
CA GLU A 35 13.05 -0.84 -15.87
C GLU A 35 12.50 -2.17 -16.36
N VAL A 36 11.41 -2.06 -17.10
CA VAL A 36 10.98 -3.14 -17.96
C VAL A 36 10.74 -2.52 -19.33
N ASN A 37 11.19 -3.19 -20.37
CA ASN A 37 10.93 -2.71 -21.71
C ASN A 37 9.77 -3.55 -22.20
N LEU A 38 8.58 -2.97 -22.07
CA LEU A 38 7.40 -3.62 -22.53
C LEU A 38 7.18 -3.26 -23.98
N PRO A 39 6.77 -4.25 -24.79
CA PRO A 39 6.58 -3.97 -26.20
C PRO A 39 5.30 -3.20 -26.48
N GLY A 40 5.32 -2.48 -27.58
CA GLY A 40 4.11 -2.02 -28.18
C GLY A 40 3.72 -0.67 -27.67
N ARG A 41 2.49 -0.29 -27.99
CA ARG A 41 2.06 1.04 -27.73
C ARG A 41 1.82 1.26 -26.23
N TRP A 42 2.01 2.49 -25.84
CA TRP A 42 1.75 2.91 -24.50
C TRP A 42 1.27 4.33 -24.63
N LYS A 43 0.71 4.85 -23.55
CA LYS A 43 0.37 6.23 -23.51
C LYS A 43 0.97 6.79 -22.25
N PRO A 44 1.24 8.10 -22.28
CA PRO A 44 1.87 8.73 -21.14
C PRO A 44 0.83 8.70 -20.03
N LYS A 45 1.30 8.59 -18.80
CA LYS A 45 0.44 8.72 -17.69
C LYS A 45 1.23 9.52 -16.68
N LEU A 46 0.56 10.43 -16.00
CA LEU A 46 1.13 11.15 -14.89
C LEU A 46 0.71 10.45 -13.63
N ILE A 47 1.66 10.08 -12.81
CA ILE A 47 1.36 9.43 -11.56
C ILE A 47 1.94 10.27 -10.44
N GLY A 48 1.60 9.92 -9.21
CA GLY A 48 2.11 10.64 -8.05
C GLY A 48 1.32 11.91 -8.05
N GLY A 49 2.00 13.04 -8.07
CA GLY A 49 1.28 14.30 -8.10
C GLY A 49 1.64 15.21 -6.95
N ILE A 50 1.99 14.62 -5.83
CA ILE A 50 2.39 15.41 -4.68
C ILE A 50 3.78 15.94 -4.94
N GLY A 51 3.85 17.24 -5.19
CA GLY A 51 5.11 17.93 -5.49
C GLY A 51 5.42 17.90 -6.96
N GLY A 52 4.49 17.35 -7.72
CA GLY A 52 4.67 17.22 -9.16
C GLY A 52 4.32 15.80 -9.51
N PHE A 53 4.07 15.58 -10.79
CA PHE A 53 3.72 14.27 -11.24
C PHE A 53 4.95 13.68 -11.83
N VAL A 54 4.93 12.37 -11.94
CA VAL A 54 5.96 11.66 -12.62
C VAL A 54 5.28 11.15 -13.85
N LYS A 55 5.93 11.32 -14.98
CA LYS A 55 5.38 10.77 -16.20
C LYS A 55 5.87 9.35 -16.33
N VAL A 56 4.93 8.45 -16.61
CA VAL A 56 5.32 7.08 -16.81
C VAL A 56 4.64 6.65 -18.08
N ARG A 57 4.97 5.44 -18.53
CA ARG A 57 4.34 4.92 -19.70
C ARG A 57 3.34 3.89 -19.22
N GLN A 58 2.12 4.08 -19.66
CA GLN A 58 1.07 3.16 -19.35
C GLN A 58 0.97 2.15 -20.47
N TYR A 59 1.19 0.90 -20.10
CA TYR A 59 0.96 -0.19 -21.01
C TYR A 59 -0.23 -0.92 -20.52
N ASP A 60 -1.13 -1.21 -21.44
CA ASP A 60 -2.37 -1.87 -21.09
C ASP A 60 -2.31 -3.31 -21.45
N GLN A 61 -3.12 -4.06 -20.74
CA GLN A 61 -3.31 -5.45 -21.03
C GLN A 61 -1.98 -6.17 -21.10
N VAL A 62 -1.12 -5.86 -20.13
CA VAL A 62 0.17 -6.49 -20.09
C VAL A 62 0.02 -7.84 -19.40
N PRO A 63 0.55 -8.90 -20.02
CA PRO A 63 0.62 -10.15 -19.29
C PRO A 63 1.67 -10.05 -18.21
N ILE A 64 1.27 -10.40 -17.01
CA ILE A 64 2.17 -10.34 -15.90
C ILE A 64 1.79 -11.53 -15.02
N GLU A 65 2.81 -12.20 -14.50
CA GLU A 65 2.58 -13.29 -13.62
C GLU A 65 2.99 -12.79 -12.25
N ILE A 66 2.13 -13.00 -11.28
CA ILE A 66 2.38 -12.58 -9.91
C ILE A 66 2.16 -13.84 -9.10
N CYS A 67 3.23 -14.35 -8.48
CA CYS A 67 3.16 -15.62 -7.76
C CYS A 67 2.55 -16.73 -8.58
N GLY A 68 2.97 -16.85 -9.83
CA GLY A 68 2.37 -17.86 -10.71
C GLY A 68 0.90 -17.62 -10.96
N HIS A 69 0.46 -16.38 -10.81
CA HIS A 69 -0.86 -16.01 -11.26
C HIS A 69 -0.68 -15.15 -12.49
N LYS A 70 -0.95 -15.74 -13.63
CA LYS A 70 -0.90 -15.06 -14.92
C LYS A 70 -2.11 -14.20 -15.02
N VAL A 71 -1.89 -12.90 -15.04
CA VAL A 71 -3.00 -11.99 -15.23
C VAL A 71 -2.64 -11.03 -16.32
N ILE A 72 -3.59 -10.18 -16.63
CA ILE A 72 -3.41 -9.17 -17.65
C ILE A 72 -3.81 -7.88 -17.01
N GLY A 73 -3.01 -6.84 -17.21
CA GLY A 73 -3.40 -5.61 -16.60
C GLY A 73 -2.48 -4.49 -16.99
N THR A 74 -2.87 -3.33 -16.56
CA THR A 74 -2.17 -2.16 -16.92
C THR A 74 -0.96 -2.09 -16.04
N VAL A 75 0.17 -1.85 -16.69
CA VAL A 75 1.41 -1.70 -15.97
C VAL A 75 1.95 -0.36 -16.36
N LEU A 76 2.25 0.45 -15.35
CA LEU A 76 2.87 1.72 -15.59
C LEU A 76 4.35 1.46 -15.47
N VAL A 77 5.10 1.94 -16.45
CA VAL A 77 6.52 1.66 -16.47
C VAL A 77 7.20 3.00 -16.35
N GLY A 78 7.96 3.13 -15.28
CA GLY A 78 8.75 4.32 -15.07
C GLY A 78 9.33 4.32 -13.68
N PRO A 79 9.92 5.46 -13.30
CA PRO A 79 10.62 5.56 -12.05
C PRO A 79 9.66 5.27 -10.93
N THR A 80 10.08 4.35 -10.08
CA THR A 80 9.38 4.06 -8.86
C THR A 80 10.43 3.60 -7.87
N PRO A 81 10.39 4.18 -6.64
CA PRO A 81 11.34 3.82 -5.61
C PRO A 81 11.37 2.32 -5.45
N THR A 82 10.23 1.67 -5.59
CA THR A 82 10.19 0.21 -5.63
C THR A 82 9.04 -0.23 -6.51
N ASN A 83 9.21 -1.38 -7.15
CA ASN A 83 8.20 -1.91 -8.06
C ASN A 83 6.97 -2.15 -7.24
N VAL A 84 5.86 -1.66 -7.74
CA VAL A 84 4.66 -1.72 -6.96
C VAL A 84 3.62 -2.45 -7.77
N ILE A 85 3.05 -3.49 -7.19
CA ILE A 85 1.83 -4.10 -7.73
C ILE A 85 0.70 -3.41 -7.03
N GLY A 86 -0.07 -2.64 -7.79
CA GLY A 86 -1.16 -1.91 -7.21
C GLY A 86 -2.42 -2.70 -7.26
N ARG A 87 -3.49 -2.08 -6.80
CA ARG A 87 -4.75 -2.76 -6.75
C ARG A 87 -5.23 -3.24 -8.09
N ASN A 88 -4.86 -2.54 -9.16
CA ASN A 88 -5.32 -2.92 -10.47
C ASN A 88 -4.97 -4.36 -10.77
N LEU A 89 -3.78 -4.76 -10.38
CA LEU A 89 -3.35 -6.14 -10.68
C LEU A 89 -3.76 -7.04 -9.57
N MET A 90 -3.83 -6.53 -8.35
CA MET A 90 -4.29 -7.41 -7.29
C MET A 90 -5.70 -7.86 -7.51
N THR A 91 -6.50 -7.03 -8.14
CA THR A 91 -7.85 -7.51 -8.42
C THR A 91 -7.79 -8.59 -9.45
N GLN A 92 -6.90 -8.46 -10.40
CA GLN A 92 -6.77 -9.46 -11.45
C GLN A 92 -6.37 -10.79 -10.89
N ILE A 93 -5.48 -10.78 -9.89
CA ILE A 93 -5.06 -12.05 -9.34
C ILE A 93 -6.06 -12.54 -8.30
N GLY A 94 -7.09 -11.74 -8.04
CA GLY A 94 -8.13 -12.06 -7.07
C GLY A 94 -7.57 -11.96 -5.66
N CYS A 95 -6.61 -11.06 -5.50
CA CYS A 95 -6.01 -10.79 -4.22
C CYS A 95 -6.92 -9.92 -3.38
N THR A 96 -7.21 -10.39 -2.18
CA THR A 96 -8.03 -9.58 -1.28
C THR A 96 -7.34 -9.39 0.05
N LEU A 97 -7.78 -8.38 0.77
CA LEU A 97 -7.39 -8.26 2.15
C LEU A 97 -8.41 -9.03 2.97
N ASN A 98 -7.90 -9.80 3.91
CA ASN A 98 -8.78 -10.63 4.72
C ASN A 98 -8.38 -10.51 6.15
N PHE A 99 -9.38 -10.28 7.00
CA PHE A 99 -9.15 -10.38 8.43
C PHE A 99 -10.43 -10.64 9.19
N PRO B 1 -13.42 -9.13 7.60
CA PRO B 1 -14.03 -9.08 6.28
C PRO B 1 -13.08 -9.53 5.19
N GLN B 2 -13.59 -9.75 3.99
CA GLN B 2 -12.73 -9.96 2.84
C GLN B 2 -12.88 -8.71 2.03
N ILE B 3 -11.78 -8.00 1.84
CA ILE B 3 -11.87 -6.71 1.16
C ILE B 3 -11.26 -6.89 -0.21
N THR B 4 -12.07 -6.72 -1.25
CA THR B 4 -11.57 -6.75 -2.60
C THR B 4 -10.94 -5.41 -2.92
N LEU B 5 -10.11 -5.37 -3.94
CA LEU B 5 -9.27 -4.22 -4.12
C LEU B 5 -9.64 -3.41 -5.34
N TRP B 6 -10.89 -3.54 -5.77
CA TRP B 6 -11.35 -2.77 -6.93
C TRP B 6 -11.39 -1.33 -6.55
N GLN B 7 -11.67 -1.08 -5.28
CA GLN B 7 -11.62 0.27 -4.77
C GLN B 7 -10.49 0.36 -3.75
N ARG B 8 -10.11 1.58 -3.39
CA ARG B 8 -9.13 1.75 -2.33
C ARG B 8 -9.69 1.15 -1.07
N PRO B 9 -8.88 0.35 -0.36
CA PRO B 9 -9.42 -0.34 0.82
C PRO B 9 -9.45 0.59 2.01
N ILE B 10 -10.38 1.53 1.95
CA ILE B 10 -10.54 2.51 3.01
C ILE B 10 -11.48 1.92 4.01
N VAL B 11 -11.06 1.98 5.28
CA VAL B 11 -11.82 1.34 6.31
C VAL B 11 -11.99 2.39 7.37
N THR B 12 -12.98 2.16 8.22
CA THR B 12 -13.18 3.08 9.31
C THR B 12 -12.38 2.56 10.46
N ILE B 13 -11.63 3.45 11.07
CA ILE B 13 -10.89 3.10 12.25
C ILE B 13 -11.45 3.94 13.39
N LYS B 14 -11.34 3.39 14.58
CA LYS B 14 -11.68 4.14 15.76
C LYS B 14 -10.37 4.30 16.49
N ILE B 15 -10.00 5.55 16.74
CA ILE B 15 -8.80 5.88 17.48
C ILE B 15 -8.93 7.27 18.11
N GLY B 16 -8.31 7.43 19.29
CA GLY B 16 -8.35 8.72 19.98
C GLY B 16 -9.76 9.25 20.10
N GLY B 17 -10.68 8.33 20.42
CA GLY B 17 -12.11 8.61 20.54
C GLY B 17 -12.81 9.12 19.30
N GLN B 18 -12.14 8.99 18.15
CA GLN B 18 -12.65 9.54 16.90
C GLN B 18 -12.83 8.39 15.91
N LEU B 19 -13.81 8.54 15.03
CA LEU B 19 -13.94 7.65 13.89
C LEU B 19 -13.23 8.30 12.74
N LYS B 20 -12.27 7.59 12.17
CA LYS B 20 -11.51 8.09 11.03
C LYS B 20 -11.59 7.11 9.88
N GLU B 21 -11.29 7.60 8.69
CA GLU B 21 -11.17 6.73 7.55
C GLU B 21 -9.72 6.56 7.32
N ALA B 22 -9.32 5.34 6.98
CA ALA B 22 -7.93 5.11 6.69
C ALA B 22 -7.80 4.03 5.65
N LEU B 23 -6.69 4.08 4.95
CA LEU B 23 -6.44 3.19 3.87
C LEU B 23 -5.64 2.01 4.39
N LEU B 24 -6.16 0.81 4.17
CA LEU B 24 -5.38 -0.39 4.40
C LEU B 24 -4.31 -0.47 3.35
N ASN B 25 -3.12 -0.15 3.79
CA ASN B 25 -2.03 0.06 2.89
C ASN B 25 -0.91 -0.93 3.16
N THR B 26 -0.95 -2.05 2.44
CA THR B 26 0.10 -3.06 2.57
C THR B 26 1.46 -2.55 2.11
N GLY B 27 1.47 -1.45 1.37
CA GLY B 27 2.70 -0.82 0.96
C GLY B 27 3.31 0.06 2.03
N ALA B 28 2.59 0.27 3.13
CA ALA B 28 3.07 1.12 4.22
C ALA B 28 3.52 0.23 5.37
N ASP B 29 4.74 0.41 5.85
CA ASP B 29 5.19 -0.35 7.02
C ASP B 29 4.39 0.07 8.23
N ASP B 30 4.15 1.36 8.32
CA ASP B 30 3.60 1.93 9.51
C ASP B 30 2.29 2.57 9.26
N THR B 31 1.62 2.83 10.36
CA THR B 31 0.32 3.43 10.36
C THR B 31 0.53 4.88 10.64
N VAL B 32 0.06 5.72 9.73
CA VAL B 32 0.24 7.15 9.89
C VAL B 32 -1.12 7.77 9.77
N LEU B 33 -1.47 8.54 10.77
CA LEU B 33 -2.79 9.13 10.83
C LEU B 33 -2.58 10.61 11.07
N GLU B 34 -3.40 11.42 10.43
CA GLU B 34 -3.38 12.84 10.71
C GLU B 34 -4.49 13.19 11.68
N GLU B 35 -4.29 14.32 12.34
CA GLU B 35 -5.30 14.92 13.22
C GLU B 35 -6.03 13.92 14.09
N VAL B 36 -5.20 13.25 14.87
CA VAL B 36 -5.65 12.50 16.00
C VAL B 36 -4.83 13.03 17.18
N ASN B 37 -5.49 13.33 18.28
CA ASN B 37 -4.78 13.74 19.46
C ASN B 37 -4.74 12.48 20.31
N LEU B 38 -3.55 11.93 20.45
CA LEU B 38 -3.39 10.74 21.24
C LEU B 38 -2.75 11.13 22.54
N PRO B 39 -3.23 10.54 23.63
CA PRO B 39 -2.68 10.90 24.92
C PRO B 39 -1.32 10.28 25.16
N GLY B 40 -0.58 10.92 26.05
CA GLY B 40 0.57 10.30 26.66
C GLY B 40 1.81 10.45 25.85
N ARG B 41 2.80 9.64 26.20
CA ARG B 41 4.13 9.84 25.69
C ARG B 41 4.20 9.38 24.24
N TRP B 42 5.09 10.02 23.52
CA TRP B 42 5.37 9.68 22.15
C TRP B 42 6.82 9.97 21.94
N LYS B 43 7.36 9.44 20.87
CA LYS B 43 8.70 9.80 20.49
C LYS B 43 8.63 10.22 19.05
N PRO B 44 9.54 11.12 18.67
CA PRO B 44 9.48 11.56 17.30
C PRO B 44 9.93 10.40 16.43
N LYS B 45 9.39 10.33 15.23
CA LYS B 45 9.82 9.36 14.29
C LYS B 45 9.94 10.15 13.02
N LEU B 46 10.94 9.82 12.21
CA LEU B 46 11.05 10.35 10.86
C LEU B 46 10.50 9.31 9.93
N ILE B 47 9.55 9.71 9.11
CA ILE B 47 8.97 8.80 8.15
C ILE B 47 9.19 9.39 6.76
N GLY B 48 8.89 8.60 5.74
CA GLY B 48 9.04 9.06 4.38
C GLY B 48 10.52 9.00 4.12
N GLY B 49 11.11 10.11 3.73
CA GLY B 49 12.54 10.13 3.52
C GLY B 49 12.94 10.52 2.11
N ILE B 50 12.06 10.23 1.16
CA ILE B 50 12.36 10.61 -0.20
C ILE B 50 12.11 12.10 -0.33
N GLY B 51 13.19 12.86 -0.52
CA GLY B 51 13.12 14.33 -0.59
C GLY B 51 13.22 14.96 0.77
N GLY B 52 13.35 14.09 1.77
CA GLY B 52 13.44 14.50 3.17
C GLY B 52 12.47 13.66 3.95
N PHE B 53 12.61 13.72 5.25
CA PHE B 53 11.76 12.98 6.13
C PHE B 53 10.71 13.90 6.67
N VAL B 54 9.63 13.28 7.10
CA VAL B 54 8.61 13.99 7.81
C VAL B 54 8.72 13.52 9.22
N LYS B 55 8.72 14.45 10.16
CA LYS B 55 8.71 14.07 11.55
C LYS B 55 7.28 13.86 11.98
N VAL B 56 7.06 12.73 12.65
CA VAL B 56 5.74 12.47 13.18
C VAL B 56 5.94 12.02 14.60
N ARG B 57 4.84 11.85 15.30
CA ARG B 57 4.90 11.41 16.65
C ARG B 57 4.51 9.96 16.62
N GLN B 58 5.37 9.14 17.18
CA GLN B 58 5.12 7.75 17.30
C GLN B 58 4.49 7.49 18.66
N TYR B 59 3.31 6.94 18.60
CA TYR B 59 2.62 6.52 19.81
C TYR B 59 2.58 5.05 19.76
N ASP B 60 2.95 4.42 20.85
CA ASP B 60 3.03 2.99 20.90
C ASP B 60 1.86 2.47 21.64
N GLN B 61 1.52 1.24 21.29
CA GLN B 61 0.50 0.50 21.98
C GLN B 61 -0.78 1.28 22.03
N VAL B 62 -1.11 1.88 20.90
CA VAL B 62 -2.34 2.64 20.82
C VAL B 62 -3.50 1.69 20.57
N PRO B 63 -4.56 1.81 21.39
CA PRO B 63 -5.77 1.09 21.04
C PRO B 63 -6.43 1.73 19.84
N ILE B 64 -6.73 0.88 18.88
CA ILE B 64 -7.29 1.34 17.64
C ILE B 64 -8.19 0.21 17.19
N GLU B 65 -9.37 0.57 16.73
CA GLU B 65 -10.29 -0.37 16.23
C GLU B 65 -10.32 -0.15 14.72
N ILE B 66 -10.14 -1.23 13.98
CA ILE B 66 -10.11 -1.16 12.52
C ILE B 66 -11.17 -2.13 12.06
N CYS B 67 -12.17 -1.61 11.35
CA CYS B 67 -13.31 -2.45 10.97
C CYS B 67 -13.82 -3.28 12.13
N GLY B 68 -13.98 -2.64 13.28
CA GLY B 68 -14.52 -3.35 14.44
C GLY B 68 -13.50 -4.18 15.19
N HIS B 69 -12.30 -4.33 14.64
CA HIS B 69 -11.25 -5.12 15.28
C HIS B 69 -10.41 -4.25 16.19
N LYS B 70 -10.56 -4.50 17.49
CA LYS B 70 -9.80 -3.79 18.50
C LYS B 70 -8.40 -4.34 18.51
N THR B 71 -7.43 -3.49 18.19
CA THR B 71 -6.05 -3.91 18.28
C THR B 71 -5.26 -2.84 18.96
N ILE B 72 -4.01 -3.15 19.19
CA ILE B 72 -3.08 -2.26 19.85
C ILE B 72 -1.90 -2.19 18.94
N GLY B 73 -1.45 -0.98 18.66
CA GLY B 73 -0.28 -0.90 17.84
C GLY B 73 0.24 0.48 17.76
N THR B 74 1.35 0.61 17.08
CA THR B 74 2.00 1.87 16.98
C THR B 74 1.28 2.65 15.95
N VAL B 75 1.00 3.90 16.31
CA VAL B 75 0.37 4.80 15.38
C VAL B 75 1.28 6.00 15.31
N LEU B 76 1.65 6.34 14.08
CA LEU B 76 2.39 7.54 13.86
C LEU B 76 1.37 8.62 13.60
N VAL B 77 1.53 9.75 14.28
CA VAL B 77 0.54 10.80 14.12
C VAL B 77 1.31 11.96 13.54
N GLY B 78 0.85 12.40 12.39
CA GLY B 78 1.39 13.60 11.76
C GLY B 78 0.89 13.66 10.35
N PRO B 79 1.50 14.55 9.55
CA PRO B 79 0.99 14.83 8.23
C PRO B 79 1.06 13.57 7.41
N THR B 80 -0.08 13.22 6.85
CA THR B 80 -0.14 12.19 5.84
C THR B 80 -1.22 12.59 4.87
N PRO B 81 -0.93 12.42 3.55
CA PRO B 81 -1.91 12.82 2.55
C PRO B 81 -3.19 12.03 2.76
N THR B 82 -3.07 10.77 3.16
CA THR B 82 -4.24 9.96 3.52
C THR B 82 -3.90 9.17 4.77
N ASN B 83 -4.89 8.94 5.63
CA ASN B 83 -4.67 8.17 6.86
C ASN B 83 -4.35 6.81 6.39
N VAL B 84 -3.26 6.26 6.90
CA VAL B 84 -2.80 5.02 6.37
C VAL B 84 -2.72 4.01 7.50
N ILE B 85 -3.41 2.90 7.32
CA ILE B 85 -3.16 1.72 8.17
C ILE B 85 -2.08 0.92 7.49
N GLY B 86 -0.89 0.91 8.08
CA GLY B 86 0.18 0.12 7.53
C GLY B 86 0.18 -1.30 8.01
N ARG B 87 1.18 -2.04 7.57
CA ARG B 87 1.26 -3.42 7.91
C ARG B 87 1.31 -3.66 9.40
N ASN B 88 1.91 -2.76 10.15
CA ASN B 88 2.03 -2.93 11.58
C ASN B 88 0.68 -3.21 12.21
N LEU B 89 -0.36 -2.52 11.76
CA LEU B 89 -1.67 -2.74 12.32
C LEU B 89 -2.41 -3.82 11.59
N MET B 90 -2.11 -4.02 10.32
CA MET B 90 -2.78 -5.08 9.64
C MET B 90 -2.37 -6.41 10.21
N THR B 91 -1.15 -6.54 10.70
CA THR B 91 -0.80 -7.82 11.30
C THR B 91 -1.57 -8.02 12.57
N GLN B 92 -1.83 -6.94 13.27
CA GLN B 92 -2.54 -6.98 14.54
C GLN B 92 -3.96 -7.42 14.34
N ILE B 93 -4.60 -6.92 13.30
CA ILE B 93 -5.97 -7.33 13.03
C ILE B 93 -6.01 -8.68 12.34
N GLY B 94 -4.84 -9.23 12.01
CA GLY B 94 -4.72 -10.52 11.35
C GLY B 94 -5.12 -10.41 9.88
N CYS B 95 -4.87 -9.22 9.32
CA CYS B 95 -5.16 -8.97 7.93
C CYS B 95 -4.08 -9.54 7.05
N THR B 96 -4.49 -10.30 6.05
CA THR B 96 -3.52 -10.88 5.13
C THR B 96 -3.95 -10.58 3.72
N LEU B 97 -3.02 -10.74 2.80
CA LEU B 97 -3.35 -10.71 1.40
C LEU B 97 -3.58 -12.14 0.97
N ASN B 98 -4.64 -12.34 0.22
CA ASN B 98 -5.01 -13.69 -0.15
C ASN B 98 -5.37 -13.72 -1.59
N PHE B 99 -4.80 -14.66 -2.31
CA PHE B 99 -5.23 -14.93 -3.66
C PHE B 99 -4.91 -16.37 -4.05
#